data_7B8N
#
_entry.id   7B8N
#
_cell.length_a   60.174
_cell.length_b   72.656
_cell.length_c   78.760
_cell.angle_alpha   90.000
_cell.angle_beta   90.000
_cell.angle_gamma   90.000
#
_symmetry.space_group_name_H-M   'P 21 21 21'
#
loop_
_entity.id
_entity.type
_entity.pdbx_description
1 polymer 'Palmitoleoyl-protein carboxylesterase NOTUM'
2 non-polymer 'SULFATE ION'
3 non-polymer 2-acetamido-2-deoxy-beta-D-glucopyranose
4 non-polymer GLYCEROL
5 non-polymer 1,2-ETHANEDIOL
6 non-polymer '5-azanyl-2-(pyridin-3-ylmethylamino)benzoic acid'
7 water water
#
_entity_poly.entity_id   1
_entity_poly.type   'polypeptide(L)'
_entity_poly.pdbx_seq_one_letter_code
;ETGSAQQLNEDLRLHLLLNTSVTCNDGSPAGYYLKESRGSRRWLLFLEGGWYCFNRENCDSRYDTMRRLMSSRDWPRTRT
GTGILSSQPEENPYWWNANMVFIPYCSSDVWSGASSKSEKNEYAFMGALIIQEVVRELLGRGLSGAKVLLLAGSSAGGTG
VLLNVDRVAEQLEKLGYPAIQVRGLADSGWFLDNKQYRHTDCVDTITCAPTEAIRRGIRYWNGVVPERCRRQFQEGEEWN
CFFGYKVYPTLRSPVFVVQWLFDEAQLTVDNVHLTGQPVQEGLRLYIQNLGRELRHTLKDVPASFAPACLSHEIIIRSHW
TDVQVKGTSLPRALHCWDRSLHDSHKASKTPLKGCPVHLVDSCPWPHCNPSCPTGTKHHHHHH
;
_entity_poly.pdbx_strand_id   A
#
loop_
_chem_comp.id
_chem_comp.type
_chem_comp.name
_chem_comp.formula
EDO non-polymer 1,2-ETHANEDIOL 'C2 H6 O2'
GOL non-polymer GLYCEROL 'C3 H8 O3'
NAG D-saccharide, beta linking 2-acetamido-2-deoxy-beta-D-glucopyranose 'C8 H15 N O6'
SO4 non-polymer 'SULFATE ION' 'O4 S -2'
T2E non-polymer '5-azanyl-2-(pyridin-3-ylmethylamino)benzoic acid' 'C13 H13 N3 O2'
#
# COMPACT_ATOMS: atom_id res chain seq x y z
N ASP A 11 6.14 -4.06 20.78
CA ASP A 11 4.84 -3.41 20.78
C ASP A 11 4.89 -1.93 20.40
N LEU A 12 3.98 -1.56 19.50
CA LEU A 12 3.69 -0.20 19.12
C LEU A 12 2.47 0.26 19.91
N ARG A 13 2.49 1.51 20.37
CA ARG A 13 1.44 2.02 21.27
C ARG A 13 0.49 2.94 20.51
N LEU A 14 -0.82 2.77 20.75
CA LEU A 14 -1.84 3.55 20.07
C LEU A 14 -1.88 5.00 20.54
N HIS A 15 -2.01 5.91 19.57
CA HIS A 15 -2.31 7.32 19.80
C HIS A 15 -3.47 7.71 18.90
N LEU A 16 -4.57 8.18 19.50
CA LEU A 16 -5.67 8.72 18.70
C LEU A 16 -5.37 10.17 18.35
N LEU A 17 -5.79 10.58 17.15
CA LEU A 17 -5.42 11.91 16.65
C LEU A 17 -5.98 13.02 17.55
N LEU A 18 -5.11 13.98 17.87
CA LEU A 18 -5.52 15.13 18.68
C LEU A 18 -6.56 15.97 17.97
N ASN A 19 -6.52 16.02 16.64
CA ASN A 19 -7.51 16.73 15.86
C ASN A 19 -8.66 15.75 15.60
N THR A 20 -9.71 15.84 16.41
CA THR A 20 -10.75 14.84 16.35
C THR A 20 -11.75 15.05 15.21
N SER A 21 -11.54 16.04 14.33
CA SER A 21 -12.32 16.17 13.12
CA SER A 21 -12.34 16.15 13.13
C SER A 21 -11.81 15.28 11.99
N VAL A 22 -10.67 14.63 12.17
CA VAL A 22 -10.14 13.68 11.20
C VAL A 22 -10.52 12.30 11.72
N THR A 23 -11.48 11.65 11.04
CA THR A 23 -12.21 10.53 11.61
C THR A 23 -12.20 9.31 10.70
N CYS A 24 -12.47 8.17 11.33
CA CYS A 24 -12.86 6.94 10.66
C CYS A 24 -14.26 7.07 10.06
N ASN A 25 -14.72 6.00 9.38
CA ASN A 25 -16.01 6.06 8.68
C ASN A 25 -17.15 6.52 9.58
N ASP A 26 -17.19 6.06 10.82
CA ASP A 26 -18.37 6.31 11.66
C ASP A 26 -18.23 7.56 12.53
N GLY A 27 -17.20 8.37 12.32
CA GLY A 27 -17.03 9.58 13.10
C GLY A 27 -16.10 9.46 14.30
N SER A 28 -15.68 8.25 14.66
CA SER A 28 -14.71 8.08 15.73
C SER A 28 -13.32 8.55 15.28
N PRO A 29 -12.47 8.96 16.22
CA PRO A 29 -11.16 9.50 15.80
C PRO A 29 -10.30 8.43 15.14
N ALA A 30 -9.58 8.84 14.10
CA ALA A 30 -8.53 8.02 13.53
C ALA A 30 -7.30 8.03 14.46
N GLY A 31 -6.24 7.33 14.06
CA GLY A 31 -5.07 7.27 14.92
C GLY A 31 -3.91 6.55 14.26
N TYR A 32 -2.89 6.23 15.07
CA TYR A 32 -1.68 5.54 14.63
C TYR A 32 -1.04 4.81 15.82
N TYR A 33 -0.28 3.75 15.52
CA TYR A 33 0.52 3.04 16.53
C TYR A 33 2.00 3.37 16.32
N LEU A 34 2.72 3.68 17.41
CA LEU A 34 4.09 4.21 17.32
C LEU A 34 5.05 3.48 18.25
N LYS A 35 6.23 3.11 17.74
CA LYS A 35 7.36 2.70 18.57
C LYS A 35 8.57 3.50 18.15
N GLU A 36 9.04 4.39 19.02
CA GLU A 36 10.16 5.27 18.67
C GLU A 36 11.50 4.53 18.80
N SER A 37 12.49 5.03 18.07
CA SER A 37 13.86 4.53 18.15
C SER A 37 14.76 5.76 18.16
N ARG A 38 15.12 6.22 19.36
CA ARG A 38 15.68 7.55 19.48
C ARG A 38 17.08 7.65 18.90
N GLY A 39 17.76 6.53 18.66
CA GLY A 39 19.03 6.58 17.97
C GLY A 39 18.96 6.56 16.45
N SER A 40 17.78 6.76 15.85
CA SER A 40 17.62 6.63 14.40
C SER A 40 16.92 7.85 13.82
N ARG A 41 17.34 8.23 12.62
CA ARG A 41 16.67 9.28 11.85
C ARG A 41 15.85 8.72 10.68
N ARG A 42 15.54 7.42 10.71
CA ARG A 42 14.69 6.80 9.70
C ARG A 42 13.31 6.51 10.27
N TRP A 43 12.28 6.79 9.47
CA TRP A 43 10.87 6.64 9.87
C TRP A 43 10.10 5.82 8.85
N LEU A 44 9.41 4.78 9.31
CA LEU A 44 8.57 3.92 8.47
C LEU A 44 7.10 4.09 8.85
N LEU A 45 6.31 4.58 7.92
CA LEU A 45 4.86 4.74 8.12
C LEU A 45 4.13 3.74 7.22
N PHE A 46 3.47 2.74 7.82
CA PHE A 46 2.85 1.65 7.06
C PHE A 46 1.33 1.82 7.01
N LEU A 47 0.78 1.72 5.79
CA LEU A 47 -0.66 1.82 5.55
C LEU A 47 -1.28 0.41 5.47
N GLU A 48 -2.18 0.10 6.40
CA GLU A 48 -2.95 -1.15 6.36
C GLU A 48 -3.88 -1.20 5.14
N GLY A 49 -4.14 -2.42 4.65
CA GLY A 49 -5.06 -2.65 3.55
C GLY A 49 -6.38 -3.29 3.95
N GLY A 50 -7.18 -3.65 2.91
CA GLY A 50 -8.36 -4.50 2.99
C GLY A 50 -9.59 -4.11 2.18
N TRP A 51 -9.61 -4.20 0.82
CA TRP A 51 -10.76 -3.55 0.15
C TRP A 51 -11.21 -2.19 0.57
N TYR A 52 -12.51 -2.00 0.34
CA TYR A 52 -13.17 -0.71 0.24
C TYR A 52 -14.66 -0.97 0.09
N CYS A 53 -15.45 0.06 0.26
CA CYS A 53 -16.89 -0.02 0.02
C CYS A 53 -17.30 1.25 -0.73
N PHE A 54 -18.28 1.12 -1.63
CA PHE A 54 -18.51 2.23 -2.56
C PHE A 54 -19.96 2.71 -2.63
N ASN A 55 -20.86 2.19 -1.80
CA ASN A 55 -22.20 2.77 -1.69
C ASN A 55 -22.77 2.47 -0.29
N ARG A 56 -23.97 3.00 -0.02
CA ARG A 56 -24.52 2.88 1.34
C ARG A 56 -24.74 1.42 1.73
N GLU A 57 -25.32 0.64 0.84
CA GLU A 57 -25.64 -0.74 1.11
C GLU A 57 -24.39 -1.58 1.39
N ASN A 58 -23.36 -1.50 0.53
CA ASN A 58 -22.22 -2.36 0.84
C ASN A 58 -21.35 -1.80 1.97
N CYS A 59 -21.39 -0.49 2.25
CA CYS A 59 -20.71 0.03 3.44
C CYS A 59 -21.44 -0.38 4.72
N ASP A 60 -22.78 -0.43 4.71
CA ASP A 60 -23.53 -0.91 5.88
C ASP A 60 -23.17 -2.36 6.21
N SER A 61 -23.04 -3.22 5.18
N SER A 61 -23.03 -3.22 5.19
CA SER A 61 -22.63 -4.60 5.41
CA SER A 61 -22.64 -4.61 5.46
C SER A 61 -21.25 -4.68 6.04
C SER A 61 -21.24 -4.69 6.04
N ARG A 62 -20.30 -3.91 5.51
CA ARG A 62 -18.95 -3.85 6.07
C ARG A 62 -18.97 -3.42 7.54
N TYR A 63 -19.89 -2.52 7.92
CA TYR A 63 -19.96 -2.07 9.30
C TYR A 63 -20.42 -3.17 10.24
N ASP A 64 -21.20 -4.14 9.74
CA ASP A 64 -21.68 -5.23 10.58
C ASP A 64 -20.59 -6.23 10.92
N THR A 65 -19.73 -6.58 9.97
CA THR A 65 -18.82 -7.70 10.14
C THR A 65 -17.35 -7.37 9.84
N MET A 66 -17.03 -6.10 9.61
CA MET A 66 -15.64 -5.65 9.45
C MET A 66 -15.46 -4.28 10.11
N ARG A 67 -15.96 -4.15 11.34
CA ARG A 67 -16.10 -2.83 11.94
C ARG A 67 -14.76 -2.20 12.33
N ARG A 68 -13.75 -3.02 12.66
CA ARG A 68 -12.43 -2.45 12.96
C ARG A 68 -11.83 -1.70 11.76
N LEU A 69 -12.31 -1.98 10.55
CA LEU A 69 -11.94 -1.24 9.35
C LEU A 69 -12.83 -0.02 9.09
N MET A 70 -13.72 0.33 10.04
CA MET A 70 -14.62 1.47 9.88
C MET A 70 -14.74 2.33 11.13
N SER A 71 -13.95 2.06 12.18
CA SER A 71 -14.19 2.60 13.52
C SER A 71 -12.99 2.31 14.40
N SER A 72 -12.68 3.23 15.32
CA SER A 72 -11.61 3.02 16.29
C SER A 72 -12.14 2.59 17.66
N ARG A 73 -13.45 2.42 17.80
CA ARG A 73 -14.03 2.19 19.13
C ARG A 73 -13.46 0.96 19.81
N ASP A 74 -13.09 -0.07 19.03
CA ASP A 74 -12.66 -1.35 19.56
C ASP A 74 -11.19 -1.66 19.33
N TRP A 75 -10.38 -0.66 18.96
CA TRP A 75 -8.96 -0.90 18.73
C TRP A 75 -8.22 -1.22 20.04
N PRO A 76 -7.26 -2.14 20.01
CA PRO A 76 -6.46 -2.41 21.20
C PRO A 76 -5.41 -1.33 21.45
N ARG A 77 -4.93 -1.28 22.69
CA ARG A 77 -3.96 -0.25 23.08
C ARG A 77 -2.59 -0.47 22.44
N THR A 78 -2.28 -1.70 22.03
CA THR A 78 -0.96 -2.01 21.47
C THR A 78 -1.11 -2.95 20.27
N ARG A 79 -0.03 -3.02 19.49
CA ARG A 79 0.16 -3.95 18.38
C ARG A 79 1.60 -4.43 18.36
N THR A 80 1.81 -5.71 18.04
CA THR A 80 3.18 -6.19 17.83
C THR A 80 3.62 -5.88 16.40
N GLY A 81 4.83 -5.34 16.27
CA GLY A 81 5.40 -5.12 14.96
C GLY A 81 5.93 -6.42 14.37
N THR A 82 5.60 -6.68 13.10
CA THR A 82 5.98 -7.90 12.42
C THR A 82 6.53 -7.58 11.04
N GLY A 83 7.40 -8.47 10.54
CA GLY A 83 8.03 -8.22 9.25
C GLY A 83 8.87 -6.97 9.24
N ILE A 84 8.62 -6.08 8.27
CA ILE A 84 9.35 -4.81 8.16
C ILE A 84 9.09 -3.87 9.32
N LEU A 85 8.04 -4.11 10.11
CA LEU A 85 7.76 -3.36 11.34
C LEU A 85 8.36 -4.01 12.59
N SER A 86 9.09 -5.11 12.47
CA SER A 86 9.78 -5.69 13.63
C SER A 86 11.08 -4.96 13.95
N SER A 87 11.39 -4.88 15.25
CA SER A 87 12.63 -4.26 15.74
C SER A 87 13.74 -5.28 16.01
N GLN A 88 13.52 -6.57 15.68
CA GLN A 88 14.55 -7.59 15.87
C GLN A 88 15.29 -7.83 14.56
N PRO A 89 16.62 -7.71 14.53
CA PRO A 89 17.35 -7.93 13.27
C PRO A 89 17.12 -9.29 12.67
N GLU A 90 16.89 -10.31 13.49
CA GLU A 90 16.62 -11.64 12.95
C GLU A 90 15.37 -11.65 12.08
N GLU A 91 14.33 -10.92 12.48
CA GLU A 91 13.10 -10.87 11.69
C GLU A 91 13.12 -9.79 10.62
N ASN A 92 13.89 -8.71 10.82
CA ASN A 92 13.89 -7.55 9.93
C ASN A 92 15.33 -7.11 9.67
N PRO A 93 16.00 -7.78 8.72
CA PRO A 93 17.38 -7.38 8.38
C PRO A 93 17.49 -5.99 7.79
N TYR A 94 16.42 -5.48 7.19
CA TYR A 94 16.43 -4.20 6.47
C TYR A 94 16.46 -2.99 7.41
N TRP A 95 15.40 -2.76 8.19
CA TRP A 95 15.22 -1.51 8.93
C TRP A 95 14.87 -1.75 10.41
N TRP A 96 15.52 -2.71 11.06
CA TRP A 96 15.14 -3.08 12.43
C TRP A 96 15.30 -1.93 13.43
N ASN A 97 16.22 -0.98 13.18
CA ASN A 97 16.44 0.10 14.14
C ASN A 97 15.62 1.37 13.85
N ALA A 98 14.68 1.31 12.91
CA ALA A 98 13.91 2.51 12.54
C ALA A 98 12.80 2.81 13.55
N ASN A 99 12.34 4.07 13.53
CA ASN A 99 11.08 4.46 14.14
C ASN A 99 9.92 3.84 13.36
N MET A 100 9.03 3.12 14.05
CA MET A 100 7.98 2.29 13.46
C MET A 100 6.59 2.89 13.67
N VAL A 101 5.82 3.02 12.59
CA VAL A 101 4.44 3.52 12.66
C VAL A 101 3.51 2.61 11.84
N PHE A 102 2.40 2.20 12.46
CA PHE A 102 1.32 1.43 11.81
C PHE A 102 0.07 2.30 11.82
N ILE A 103 -0.46 2.61 10.64
CA ILE A 103 -1.64 3.47 10.49
C ILE A 103 -2.82 2.60 10.12
N PRO A 104 -3.77 2.35 11.03
CA PRO A 104 -4.91 1.49 10.69
C PRO A 104 -5.78 2.08 9.58
N TYR A 105 -6.34 1.19 8.78
CA TYR A 105 -7.21 1.53 7.66
C TYR A 105 -8.65 1.51 8.16
N CYS A 106 -9.24 2.70 8.37
CA CYS A 106 -10.62 2.79 8.85
C CYS A 106 -11.45 3.77 8.02
N SER A 107 -11.09 3.97 6.75
CA SER A 107 -11.78 4.89 5.86
C SER A 107 -12.38 4.26 4.61
N SER A 108 -12.03 3.00 4.29
CA SER A 108 -12.72 2.20 3.25
C SER A 108 -12.70 2.85 1.87
N ASP A 109 -11.67 3.68 1.58
CA ASP A 109 -11.62 4.52 0.39
C ASP A 109 -10.29 4.41 -0.34
N VAL A 110 -9.53 3.35 -0.10
CA VAL A 110 -8.21 3.10 -0.69
C VAL A 110 -7.31 4.31 -0.35
N TRP A 111 -7.55 4.93 0.81
CA TRP A 111 -6.75 6.07 1.31
C TRP A 111 -6.85 7.33 0.42
N SER A 112 -7.95 7.48 -0.32
CA SER A 112 -8.13 8.60 -1.25
C SER A 112 -9.12 9.66 -0.80
N GLY A 113 -9.87 9.43 0.28
CA GLY A 113 -11.04 10.26 0.54
C GLY A 113 -10.72 11.57 1.26
N ALA A 114 -11.59 12.55 1.04
CA ALA A 114 -11.52 13.84 1.71
C ALA A 114 -12.92 14.39 1.93
N SER A 115 -13.77 13.65 2.64
N SER A 115 -13.78 13.63 2.60
CA SER A 115 -15.16 14.02 2.86
CA SER A 115 -15.14 14.06 2.88
C SER A 115 -15.61 13.65 4.27
C SER A 115 -15.53 13.68 4.30
N SER A 116 -16.17 14.62 4.99
CA SER A 116 -16.60 14.42 6.37
C SER A 116 -18.03 13.89 6.43
N LYS A 117 -18.35 13.27 7.56
CA LYS A 117 -19.73 12.87 7.84
C LYS A 117 -20.56 14.12 8.10
N SER A 118 -21.78 14.15 7.56
CA SER A 118 -22.60 15.37 7.58
C SER A 118 -24.07 14.97 7.49
N GLU A 119 -24.95 15.99 7.40
CA GLU A 119 -26.37 15.70 7.25
C GLU A 119 -26.67 15.02 5.92
N LYS A 120 -25.75 15.11 4.96
CA LYS A 120 -25.92 14.46 3.66
C LYS A 120 -25.09 13.19 3.50
N ASN A 121 -24.15 12.92 4.41
CA ASN A 121 -23.24 11.79 4.30
C ASN A 121 -23.35 10.94 5.56
N GLU A 122 -23.78 9.67 5.39
CA GLU A 122 -23.84 8.73 6.50
C GLU A 122 -22.45 8.38 7.04
N TYR A 123 -21.45 8.29 6.16
CA TYR A 123 -20.09 7.97 6.56
C TYR A 123 -19.10 9.06 6.16
N ALA A 124 -18.00 9.13 6.90
CA ALA A 124 -16.86 9.95 6.53
C ALA A 124 -15.84 9.12 5.76
N PHE A 125 -15.24 9.72 4.74
CA PHE A 125 -14.21 9.04 3.94
C PHE A 125 -13.00 9.99 3.93
N MET A 126 -12.05 9.79 4.85
CA MET A 126 -11.00 10.78 5.06
C MET A 126 -9.58 10.20 4.95
N GLY A 127 -9.40 9.15 4.16
CA GLY A 127 -8.08 8.51 4.08
C GLY A 127 -6.93 9.44 3.75
N ALA A 128 -7.10 10.30 2.73
CA ALA A 128 -6.00 11.20 2.35
C ALA A 128 -5.69 12.19 3.47
N LEU A 129 -6.72 12.63 4.20
CA LEU A 129 -6.53 13.55 5.32
C LEU A 129 -5.97 12.87 6.56
N ILE A 130 -6.29 11.59 6.78
CA ILE A 130 -5.71 10.85 7.90
C ILE A 130 -4.19 10.80 7.78
N ILE A 131 -3.68 10.49 6.58
CA ILE A 131 -2.23 10.42 6.38
C ILE A 131 -1.58 11.77 6.68
N GLN A 132 -2.19 12.85 6.18
CA GLN A 132 -1.60 14.18 6.40
C GLN A 132 -1.59 14.56 7.88
N GLU A 133 -2.64 14.21 8.62
CA GLU A 133 -2.69 14.57 10.05
C GLU A 133 -1.74 13.71 10.87
N VAL A 134 -1.56 12.43 10.51
CA VAL A 134 -0.55 11.61 11.20
C VAL A 134 0.83 12.23 11.02
N VAL A 135 1.17 12.61 9.80
CA VAL A 135 2.49 13.24 9.54
C VAL A 135 2.64 14.50 10.38
N ARG A 136 1.60 15.33 10.43
CA ARG A 136 1.70 16.58 11.19
C ARG A 136 1.97 16.32 12.66
N GLU A 137 1.22 15.39 13.28
CA GLU A 137 1.39 15.17 14.72
C GLU A 137 2.70 14.45 15.04
N LEU A 138 3.22 13.65 14.11
CA LEU A 138 4.52 13.00 14.33
C LEU A 138 5.68 13.99 14.31
N LEU A 139 5.58 15.09 13.55
CA LEU A 139 6.70 16.04 13.53
C LEU A 139 7.02 16.56 14.93
N GLY A 140 6.04 16.65 15.80
CA GLY A 140 6.29 17.00 17.19
C GLY A 140 6.83 15.88 18.06
N ARG A 141 6.88 14.65 17.55
CA ARG A 141 7.37 13.50 18.31
C ARG A 141 8.69 12.96 17.76
N GLY A 142 9.39 13.74 16.96
CA GLY A 142 10.71 13.38 16.48
C GLY A 142 10.86 13.33 14.97
N LEU A 143 9.76 13.29 14.22
CA LEU A 143 9.88 13.22 12.77
C LEU A 143 10.54 14.46 12.18
N SER A 144 10.52 15.58 12.91
CA SER A 144 11.19 16.80 12.43
C SER A 144 12.67 16.58 12.20
N GLY A 145 13.28 15.62 12.89
CA GLY A 145 14.69 15.34 12.72
C GLY A 145 15.03 14.24 11.75
N ALA A 146 14.06 13.70 11.01
CA ALA A 146 14.30 12.56 10.15
C ALA A 146 15.16 12.92 8.95
N LYS A 147 15.86 11.90 8.43
CA LYS A 147 16.50 11.99 7.12
C LYS A 147 15.74 11.26 6.03
N VAL A 148 15.03 10.19 6.34
CA VAL A 148 14.25 9.44 5.35
C VAL A 148 12.89 9.09 5.96
N LEU A 149 11.81 9.39 5.23
CA LEU A 149 10.45 8.93 5.56
C LEU A 149 10.01 7.96 4.47
N LEU A 150 9.90 6.67 4.82
CA LEU A 150 9.42 5.62 3.89
C LEU A 150 7.94 5.39 4.15
N LEU A 151 7.10 5.75 3.18
CA LEU A 151 5.66 5.50 3.23
C LEU A 151 5.41 4.16 2.55
N ALA A 152 5.03 3.16 3.33
CA ALA A 152 4.82 1.80 2.86
C ALA A 152 3.36 1.36 3.06
N GLY A 153 2.99 0.25 2.42
CA GLY A 153 1.62 -0.27 2.57
C GLY A 153 1.40 -1.53 1.75
N SER A 154 0.39 -2.30 2.19
CA SER A 154 0.02 -3.57 1.56
C SER A 154 -1.43 -3.55 1.06
N SER A 155 -1.64 -4.13 -0.14
CA SER A 155 -2.95 -4.28 -0.80
C SER A 155 -3.56 -2.89 -1.01
N ALA A 156 -4.77 -2.60 -0.48
CA ALA A 156 -5.30 -1.24 -0.60
C ALA A 156 -4.34 -0.21 -0.04
N GLY A 157 -3.53 -0.58 0.96
CA GLY A 157 -2.52 0.35 1.46
C GLY A 157 -1.35 0.54 0.51
N GLY A 158 -1.05 -0.49 -0.30
CA GLY A 158 -0.06 -0.31 -1.35
C GLY A 158 -0.52 0.64 -2.44
N THR A 159 -1.79 0.52 -2.87
CA THR A 159 -2.34 1.51 -3.80
C THR A 159 -2.35 2.89 -3.15
N GLY A 160 -2.65 2.96 -1.85
CA GLY A 160 -2.61 4.23 -1.12
C GLY A 160 -1.25 4.91 -1.12
N VAL A 161 -0.16 4.13 -1.07
CA VAL A 161 1.19 4.71 -1.21
C VAL A 161 1.30 5.46 -2.54
N LEU A 162 0.88 4.82 -3.63
CA LEU A 162 0.96 5.43 -4.95
C LEU A 162 0.13 6.70 -5.04
N LEU A 163 -1.02 6.72 -4.35
CA LEU A 163 -1.89 7.90 -4.40
C LEU A 163 -1.41 9.04 -3.51
N ASN A 164 -0.58 8.76 -2.50
CA ASN A 164 -0.30 9.77 -1.47
C ASN A 164 1.18 10.14 -1.29
N VAL A 165 2.12 9.41 -1.87
CA VAL A 165 3.54 9.63 -1.56
C VAL A 165 3.98 11.04 -1.96
N ASP A 166 3.60 11.52 -3.15
CA ASP A 166 3.99 12.87 -3.55
C ASP A 166 3.26 13.96 -2.74
N ARG A 167 2.06 13.68 -2.22
CA ARG A 167 1.42 14.69 -1.38
C ARG A 167 2.13 14.84 -0.03
N VAL A 168 2.65 13.74 0.53
CA VAL A 168 3.44 13.83 1.76
C VAL A 168 4.70 14.64 1.52
N ALA A 169 5.36 14.40 0.38
CA ALA A 169 6.56 15.17 0.04
C ALA A 169 6.26 16.66 -0.08
N GLU A 170 5.14 17.01 -0.72
CA GLU A 170 4.77 18.43 -0.84
C GLU A 170 4.41 19.03 0.51
N GLN A 171 3.71 18.26 1.35
CA GLN A 171 3.35 18.73 2.68
C GLN A 171 4.58 19.12 3.48
N LEU A 172 5.61 18.28 3.46
CA LEU A 172 6.81 18.56 4.25
C LEU A 172 7.62 19.70 3.65
N GLU A 173 7.62 19.82 2.32
CA GLU A 173 8.26 20.97 1.69
C GLU A 173 7.63 22.27 2.15
N LYS A 174 6.31 22.35 2.10
CA LYS A 174 5.59 23.57 2.46
C LYS A 174 5.70 23.88 3.96
N LEU A 175 5.83 22.86 4.81
CA LEU A 175 6.02 23.09 6.23
C LEU A 175 7.44 23.50 6.59
N GLY A 176 8.37 23.49 5.63
CA GLY A 176 9.72 23.93 5.88
C GLY A 176 10.71 22.84 6.22
N TYR A 177 10.50 21.62 5.72
CA TYR A 177 11.39 20.47 5.95
C TYR A 177 11.88 19.93 4.60
N PRO A 178 12.68 20.70 3.86
CA PRO A 178 13.17 20.20 2.57
C PRO A 178 14.25 19.12 2.69
N ALA A 179 14.75 18.85 3.89
CA ALA A 179 15.81 17.87 4.06
C ALA A 179 15.32 16.43 4.25
N ILE A 180 14.04 16.23 4.58
CA ILE A 180 13.51 14.88 4.75
C ILE A 180 13.25 14.28 3.37
N GLN A 181 13.91 13.16 3.06
CA GLN A 181 13.68 12.47 1.79
C GLN A 181 12.48 11.53 1.93
N VAL A 182 11.39 11.82 1.21
CA VAL A 182 10.19 10.98 1.20
C VAL A 182 10.28 9.95 0.08
N ARG A 183 10.01 8.68 0.41
CA ARG A 183 10.08 7.56 -0.54
C ARG A 183 8.86 6.67 -0.31
N GLY A 184 8.57 5.80 -1.28
CA GLY A 184 7.40 4.93 -1.19
C GLY A 184 7.74 3.46 -1.39
N LEU A 185 6.98 2.60 -0.72
CA LEU A 185 7.11 1.14 -0.85
C LEU A 185 5.71 0.56 -1.00
N ALA A 186 5.34 0.14 -2.22
CA ALA A 186 3.98 -0.31 -2.50
C ALA A 186 3.96 -1.82 -2.68
N ASP A 187 3.31 -2.53 -1.75
CA ASP A 187 3.25 -4.00 -1.72
C ASP A 187 1.85 -4.49 -2.09
N SER A 188 1.75 -5.28 -3.16
CA SER A 188 0.47 -5.90 -3.58
C SER A 188 -0.60 -4.85 -3.91
N GLY A 189 -0.21 -3.69 -4.38
CA GLY A 189 -1.18 -2.69 -4.80
C GLY A 189 -1.09 -2.27 -6.26
N TRP A 190 -0.46 -3.11 -7.10
CA TRP A 190 -0.23 -2.84 -8.52
C TRP A 190 -1.16 -3.74 -9.36
N PHE A 191 -2.35 -3.23 -9.67
CA PHE A 191 -3.41 -4.00 -10.31
C PHE A 191 -3.51 -3.69 -11.81
N LEU A 192 -4.07 -4.64 -12.56
CA LEU A 192 -4.35 -4.46 -13.98
C LEU A 192 -5.85 -4.34 -14.20
N ASP A 193 -6.25 -3.37 -15.04
CA ASP A 193 -7.64 -3.24 -15.47
C ASP A 193 -7.87 -4.10 -16.71
N ASN A 194 -7.66 -5.40 -16.54
CA ASN A 194 -7.73 -6.35 -17.65
C ASN A 194 -9.14 -6.93 -17.81
N LYS A 195 -9.32 -7.68 -18.90
CA LYS A 195 -10.56 -8.40 -19.15
C LYS A 195 -10.66 -9.59 -18.19
N GLN A 196 -11.86 -9.81 -17.66
CA GLN A 196 -12.10 -10.88 -16.70
C GLN A 196 -12.19 -12.24 -17.39
N TYR A 197 -11.86 -13.30 -16.66
CA TYR A 197 -11.90 -14.65 -17.23
C TYR A 197 -13.32 -15.10 -17.51
N ARG A 198 -14.24 -14.79 -16.58
CA ARG A 198 -15.68 -14.83 -16.83
C ARG A 198 -16.30 -13.50 -16.43
N ALA A 209 -16.88 -4.77 -11.81
CA ALA A 209 -15.45 -4.70 -12.10
C ALA A 209 -14.80 -3.55 -11.34
N PRO A 210 -13.53 -3.71 -10.98
CA PRO A 210 -12.84 -2.62 -10.24
C PRO A 210 -12.98 -1.26 -10.90
N THR A 211 -12.93 -1.18 -12.24
CA THR A 211 -12.98 0.13 -12.88
C THR A 211 -14.31 0.83 -12.59
N GLU A 212 -15.42 0.09 -12.67
CA GLU A 212 -16.72 0.73 -12.37
C GLU A 212 -16.91 0.97 -10.88
N ALA A 213 -16.47 0.03 -10.03
CA ALA A 213 -16.59 0.23 -8.59
C ALA A 213 -15.76 1.41 -8.12
N ILE A 214 -14.53 1.53 -8.65
CA ILE A 214 -13.68 2.67 -8.28
C ILE A 214 -14.28 3.98 -8.79
N ARG A 215 -14.85 3.97 -10.00
CA ARG A 215 -15.47 5.19 -10.52
C ARG A 215 -16.60 5.66 -9.60
N ARG A 216 -17.47 4.74 -9.20
CA ARG A 216 -18.54 5.11 -8.28
C ARG A 216 -17.97 5.49 -6.91
N GLY A 217 -16.94 4.76 -6.47
CA GLY A 217 -16.33 5.04 -5.19
C GLY A 217 -15.78 6.45 -5.09
N ILE A 218 -15.06 6.89 -6.12
CA ILE A 218 -14.47 8.24 -6.09
C ILE A 218 -15.54 9.31 -5.89
N ARG A 219 -16.69 9.17 -6.55
CA ARG A 219 -17.76 10.15 -6.36
C ARG A 219 -18.35 10.06 -4.96
N TYR A 220 -18.51 8.84 -4.44
CA TYR A 220 -19.05 8.63 -3.09
C TYR A 220 -18.10 9.13 -2.01
N TRP A 221 -16.78 9.01 -2.23
CA TRP A 221 -15.79 9.37 -1.23
C TRP A 221 -15.30 10.80 -1.34
N ASN A 222 -15.62 11.52 -2.42
CA ASN A 222 -14.89 12.72 -2.81
C ASN A 222 -13.39 12.43 -2.91
N GLY A 223 -13.06 11.37 -3.65
CA GLY A 223 -11.67 10.92 -3.68
C GLY A 223 -10.77 11.83 -4.47
N VAL A 224 -9.49 11.87 -4.06
CA VAL A 224 -8.46 12.73 -4.68
C VAL A 224 -7.31 11.86 -5.19
N VAL A 225 -6.75 12.27 -6.33
CA VAL A 225 -5.64 11.54 -6.96
C VAL A 225 -4.48 12.52 -7.16
N PRO A 226 -3.28 12.02 -7.40
CA PRO A 226 -2.12 12.92 -7.59
C PRO A 226 -2.32 13.89 -8.76
N GLU A 227 -1.80 15.10 -8.60
CA GLU A 227 -2.19 16.21 -9.49
C GLU A 227 -1.72 15.97 -10.94
N ARG A 228 -0.48 15.51 -11.16
CA ARG A 228 -0.02 15.30 -12.53
C ARG A 228 -0.86 14.23 -13.22
N CYS A 229 -1.19 13.16 -12.52
CA CYS A 229 -2.03 12.12 -13.11
C CYS A 229 -3.43 12.65 -13.39
N ARG A 230 -3.99 13.44 -12.47
CA ARG A 230 -5.30 14.04 -12.68
C ARG A 230 -5.32 14.92 -13.93
N ARG A 231 -4.23 15.67 -14.16
CA ARG A 231 -4.18 16.57 -15.31
C ARG A 231 -4.09 15.80 -16.62
N GLN A 232 -3.51 14.60 -16.60
CA GLN A 232 -3.45 13.77 -17.81
C GLN A 232 -4.82 13.22 -18.19
N PHE A 233 -5.53 12.64 -17.22
CA PHE A 233 -6.76 11.90 -17.51
C PHE A 233 -8.00 12.76 -17.43
N GLN A 234 -7.98 13.81 -16.60
CA GLN A 234 -8.98 14.87 -16.52
C GLN A 234 -10.30 14.42 -15.91
N GLU A 235 -11.28 15.34 -15.88
CA GLU A 235 -12.48 15.14 -15.09
C GLU A 235 -13.27 13.92 -15.56
N GLY A 236 -13.78 13.16 -14.58
CA GLY A 236 -14.53 11.95 -14.84
C GLY A 236 -13.69 10.72 -15.08
N GLU A 237 -12.38 10.86 -15.30
CA GLU A 237 -11.51 9.73 -15.60
C GLU A 237 -10.44 9.52 -14.54
N GLU A 238 -10.65 10.06 -13.32
CA GLU A 238 -9.66 9.93 -12.27
C GLU A 238 -9.43 8.48 -11.85
N TRP A 239 -10.39 7.58 -12.11
CA TRP A 239 -10.22 6.18 -11.75
C TRP A 239 -8.95 5.57 -12.35
N ASN A 240 -8.47 6.10 -13.48
CA ASN A 240 -7.25 5.58 -14.09
C ASN A 240 -6.05 5.66 -13.15
N CYS A 241 -6.01 6.68 -12.30
CA CYS A 241 -4.87 6.87 -11.40
C CYS A 241 -4.84 5.88 -10.23
N PHE A 242 -5.86 5.03 -10.06
CA PHE A 242 -5.76 3.94 -9.09
C PHE A 242 -5.02 2.72 -9.64
N PHE A 243 -4.55 2.75 -10.89
CA PHE A 243 -3.88 1.61 -11.50
C PHE A 243 -2.39 1.92 -11.65
N GLY A 244 -1.55 1.12 -10.97
CA GLY A 244 -0.14 1.44 -10.83
C GLY A 244 0.57 1.82 -12.12
N TYR A 245 0.42 1.01 -13.17
CA TYR A 245 1.16 1.27 -14.40
C TYR A 245 0.78 2.62 -15.04
N LYS A 246 -0.34 3.23 -14.64
CA LYS A 246 -0.76 4.53 -15.16
C LYS A 246 -0.37 5.69 -14.26
N VAL A 247 -0.39 5.52 -12.94
CA VAL A 247 -0.03 6.60 -12.05
C VAL A 247 1.48 6.65 -11.77
N TYR A 248 2.16 5.50 -11.76
CA TYR A 248 3.58 5.49 -11.39
C TYR A 248 4.45 6.42 -12.26
N PRO A 249 4.32 6.47 -13.59
CA PRO A 249 5.18 7.38 -14.38
C PRO A 249 4.97 8.85 -14.10
N THR A 250 3.90 9.23 -13.41
CA THR A 250 3.65 10.63 -13.07
C THR A 250 4.27 11.06 -11.73
N LEU A 251 4.84 10.13 -10.96
CA LEU A 251 5.31 10.43 -9.61
C LEU A 251 6.76 10.90 -9.60
N ARG A 252 7.08 11.83 -8.69
CA ARG A 252 8.44 12.32 -8.53
C ARG A 252 9.23 11.61 -7.44
N SER A 253 8.57 11.16 -6.36
CA SER A 253 9.29 10.50 -5.27
C SER A 253 9.72 9.09 -5.69
N PRO A 254 10.86 8.61 -5.20
CA PRO A 254 11.27 7.23 -5.51
C PRO A 254 10.31 6.23 -4.89
N VAL A 255 9.88 5.23 -5.68
CA VAL A 255 8.91 4.23 -5.27
C VAL A 255 9.44 2.84 -5.65
N PHE A 256 9.52 1.95 -4.67
CA PHE A 256 9.94 0.54 -4.85
C PHE A 256 8.64 -0.26 -4.96
N VAL A 257 8.50 -1.13 -5.97
CA VAL A 257 7.23 -1.83 -6.21
C VAL A 257 7.41 -3.32 -5.94
N VAL A 258 6.69 -3.85 -4.94
CA VAL A 258 6.65 -5.28 -4.64
C VAL A 258 5.31 -5.84 -5.10
N GLN A 259 5.33 -6.86 -5.96
CA GLN A 259 4.08 -7.36 -6.56
C GLN A 259 4.23 -8.82 -6.98
N TRP A 260 3.47 -9.72 -6.34
CA TRP A 260 3.34 -11.08 -6.85
C TRP A 260 2.77 -11.05 -8.27
N LEU A 261 3.33 -11.88 -9.16
CA LEU A 261 2.83 -11.88 -10.53
C LEU A 261 1.44 -12.48 -10.64
N PHE A 262 1.06 -13.37 -9.73
CA PHE A 262 -0.28 -13.99 -9.72
C PHE A 262 -0.96 -13.66 -8.39
N ASP A 263 -1.25 -12.37 -8.20
CA ASP A 263 -1.79 -11.92 -6.92
C ASP A 263 -3.21 -12.47 -6.72
N GLU A 264 -3.49 -12.98 -5.49
CA GLU A 264 -4.80 -13.60 -5.25
C GLU A 264 -5.96 -12.61 -5.37
N ALA A 265 -5.76 -11.35 -4.99
CA ALA A 265 -6.83 -10.38 -5.13
C ALA A 265 -7.07 -10.00 -6.60
N GLN A 266 -6.00 -9.94 -7.41
CA GLN A 266 -6.17 -9.76 -8.85
C GLN A 266 -6.98 -10.90 -9.46
N LEU A 267 -6.70 -12.14 -9.06
CA LEU A 267 -7.44 -13.28 -9.59
C LEU A 267 -8.90 -13.25 -9.13
N THR A 268 -9.15 -12.80 -7.89
CA THR A 268 -10.54 -12.67 -7.43
C THR A 268 -11.34 -11.70 -8.30
N VAL A 269 -10.79 -10.50 -8.54
CA VAL A 269 -11.51 -9.54 -9.35
C VAL A 269 -11.60 -9.99 -10.80
N ASP A 270 -10.73 -10.89 -11.26
CA ASP A 270 -10.82 -11.48 -12.58
C ASP A 270 -11.76 -12.69 -12.65
N ASN A 271 -12.44 -13.02 -11.55
CA ASN A 271 -13.36 -14.16 -11.47
C ASN A 271 -12.65 -15.48 -11.79
N VAL A 272 -11.43 -15.64 -11.26
CA VAL A 272 -10.65 -16.87 -11.35
C VAL A 272 -10.55 -17.50 -9.97
N HIS A 273 -10.80 -18.80 -9.88
CA HIS A 273 -10.72 -19.55 -8.62
C HIS A 273 -9.97 -20.85 -8.88
N LEU A 274 -8.71 -20.93 -8.45
CA LEU A 274 -7.95 -22.15 -8.61
C LEU A 274 -8.37 -23.15 -7.54
N THR A 275 -9.26 -24.07 -7.93
CA THR A 275 -9.84 -25.03 -7.00
C THR A 275 -10.09 -26.34 -7.74
N GLY A 276 -10.00 -27.45 -7.01
CA GLY A 276 -10.19 -28.77 -7.57
C GLY A 276 -9.06 -29.30 -8.42
N GLN A 277 -8.08 -28.46 -8.78
CA GLN A 277 -6.88 -28.87 -9.51
C GLN A 277 -7.09 -29.64 -10.82
N PRO A 278 -7.74 -29.04 -11.83
CA PRO A 278 -7.47 -29.49 -13.20
C PRO A 278 -7.60 -28.41 -14.26
N VAL A 279 -6.53 -27.67 -14.54
CA VAL A 279 -6.63 -26.45 -15.35
C VAL A 279 -6.64 -26.80 -16.83
N GLN A 280 -7.67 -26.37 -17.54
CA GLN A 280 -7.78 -26.61 -18.97
C GLN A 280 -7.15 -25.46 -19.77
N GLU A 281 -7.12 -25.63 -21.09
CA GLU A 281 -6.34 -24.75 -21.97
C GLU A 281 -6.72 -23.29 -21.82
N GLY A 282 -8.03 -22.99 -21.82
CA GLY A 282 -8.46 -21.60 -21.76
C GLY A 282 -7.96 -20.88 -20.51
N LEU A 283 -8.06 -21.54 -19.36
CA LEU A 283 -7.59 -20.94 -18.11
C LEU A 283 -6.07 -20.90 -18.07
N ARG A 284 -5.40 -21.95 -18.57
CA ARG A 284 -3.94 -21.93 -18.66
C ARG A 284 -3.45 -20.71 -19.43
N LEU A 285 -4.00 -20.48 -20.63
CA LEU A 285 -3.60 -19.34 -21.44
C LEU A 285 -3.92 -18.01 -20.74
N TYR A 286 -5.09 -17.91 -20.09
CA TYR A 286 -5.43 -16.70 -19.34
C TYR A 286 -4.41 -16.37 -18.25
N ILE A 287 -4.06 -17.36 -17.43
CA ILE A 287 -3.11 -17.15 -16.34
C ILE A 287 -1.72 -16.79 -16.88
N GLN A 288 -1.28 -17.48 -17.94
CA GLN A 288 0.03 -17.18 -18.51
C GLN A 288 0.07 -15.76 -19.07
N ASN A 289 -1.04 -15.32 -19.70
CA ASN A 289 -1.12 -13.97 -20.25
C ASN A 289 -1.12 -12.92 -19.14
N LEU A 290 -1.78 -13.19 -18.01
CA LEU A 290 -1.75 -12.25 -16.89
C LEU A 290 -0.32 -12.05 -16.37
N GLY A 291 0.43 -13.15 -16.19
CA GLY A 291 1.83 -13.03 -15.79
C GLY A 291 2.65 -12.21 -16.76
N ARG A 292 2.48 -12.45 -18.07
CA ARG A 292 3.26 -11.72 -19.06
C ARG A 292 2.91 -10.23 -19.09
N GLU A 293 1.62 -9.90 -18.94
CA GLU A 293 1.21 -8.50 -18.95
C GLU A 293 1.77 -7.77 -17.73
N LEU A 294 1.76 -8.42 -16.58
CA LEU A 294 2.24 -7.66 -15.44
C LEU A 294 3.76 -7.54 -15.47
N ARG A 295 4.48 -8.55 -16.00
CA ARG A 295 5.92 -8.39 -16.24
C ARG A 295 6.19 -7.23 -17.17
N HIS A 296 5.37 -7.09 -18.22
CA HIS A 296 5.56 -6.01 -19.17
C HIS A 296 5.43 -4.65 -18.49
N THR A 297 4.44 -4.47 -17.61
CA THR A 297 4.24 -3.19 -16.94
C THR A 297 5.37 -2.82 -15.98
N LEU A 298 6.19 -3.78 -15.54
CA LEU A 298 7.30 -3.52 -14.63
C LEU A 298 8.65 -3.39 -15.33
N LYS A 299 8.70 -3.59 -16.66
CA LYS A 299 9.99 -3.67 -17.34
C LYS A 299 10.84 -2.42 -17.11
N ASP A 300 10.20 -1.25 -17.03
CA ASP A 300 10.90 0.02 -16.87
C ASP A 300 10.67 0.62 -15.48
N VAL A 301 10.43 -0.23 -14.49
CA VAL A 301 10.36 0.17 -13.09
C VAL A 301 11.70 -0.25 -12.47
N PRO A 302 12.62 0.67 -12.20
CA PRO A 302 13.98 0.26 -11.81
C PRO A 302 14.10 -0.34 -10.41
N ALA A 303 13.16 -0.06 -9.50
CA ALA A 303 13.20 -0.63 -8.15
C ALA A 303 11.94 -1.48 -7.97
N SER A 304 12.09 -2.80 -8.10
CA SER A 304 10.92 -3.67 -8.07
C SER A 304 11.30 -5.09 -7.66
N PHE A 305 10.31 -5.81 -7.10
CA PHE A 305 10.50 -7.18 -6.64
C PHE A 305 9.22 -7.95 -6.98
N ALA A 306 9.27 -8.84 -7.97
CA ALA A 306 8.04 -9.42 -8.50
C ALA A 306 8.17 -10.91 -8.74
N PRO A 307 7.93 -11.74 -7.72
CA PRO A 307 8.08 -13.20 -7.86
C PRO A 307 6.87 -13.87 -8.50
N ALA A 308 7.15 -15.01 -9.16
CA ALA A 308 6.11 -15.77 -9.85
C ALA A 308 5.43 -16.74 -8.89
N CYS A 309 4.60 -16.15 -7.99
CA CYS A 309 3.85 -16.89 -6.97
C CYS A 309 2.40 -16.45 -6.92
N LEU A 310 1.54 -17.40 -6.52
CA LEU A 310 0.15 -17.16 -6.12
C LEU A 310 0.14 -16.86 -4.63
N SER A 311 0.00 -15.59 -4.26
CA SER A 311 0.00 -15.16 -2.85
C SER A 311 -0.65 -13.77 -2.76
N HIS A 312 -0.63 -13.19 -1.55
CA HIS A 312 -1.24 -11.88 -1.32
C HIS A 312 -0.54 -11.21 -0.14
N GLU A 313 0.07 -10.05 -0.37
CA GLU A 313 0.84 -9.26 0.60
C GLU A 313 2.12 -9.96 1.04
N ILE A 314 3.08 -9.20 1.58
CA ILE A 314 4.30 -9.82 2.13
C ILE A 314 5.01 -9.00 3.22
N ILE A 315 5.02 -7.66 3.12
CA ILE A 315 6.06 -6.94 3.88
C ILE A 315 5.84 -6.93 5.39
N ILE A 316 4.63 -7.15 5.93
CA ILE A 316 4.54 -7.29 7.39
C ILE A 316 4.28 -8.72 7.83
N ARG A 317 4.47 -9.71 6.96
CA ARG A 317 4.46 -11.09 7.41
C ARG A 317 5.84 -11.53 7.90
N SER A 318 5.83 -12.36 8.95
CA SER A 318 7.05 -12.62 9.69
C SER A 318 8.10 -13.35 8.85
N HIS A 319 7.67 -14.19 7.91
CA HIS A 319 8.60 -14.96 7.10
C HIS A 319 8.85 -14.28 5.76
N TRP A 320 8.90 -12.95 5.73
CA TRP A 320 9.00 -12.21 4.49
C TRP A 320 10.44 -12.31 3.99
N THR A 321 11.35 -12.80 4.84
CA THR A 321 12.76 -12.97 4.50
C THR A 321 13.02 -14.20 3.64
N ASP A 322 12.03 -15.06 3.42
CA ASP A 322 12.30 -16.35 2.81
C ASP A 322 12.31 -16.32 1.28
N VAL A 323 11.45 -15.52 0.65
N VAL A 323 11.48 -15.47 0.67
CA VAL A 323 11.29 -15.59 -0.80
CA VAL A 323 11.29 -15.46 -0.78
C VAL A 323 12.45 -14.85 -1.46
C VAL A 323 12.49 -14.82 -1.46
N GLN A 324 12.92 -15.39 -2.58
CA GLN A 324 14.04 -14.85 -3.33
C GLN A 324 13.72 -14.82 -4.82
N VAL A 325 14.25 -13.82 -5.52
CA VAL A 325 14.22 -13.74 -6.97
C VAL A 325 15.68 -13.69 -7.43
N LYS A 326 16.06 -14.62 -8.31
CA LYS A 326 17.44 -14.71 -8.82
C LYS A 326 18.45 -14.77 -7.67
N GLY A 327 18.08 -15.42 -6.57
CA GLY A 327 18.97 -15.56 -5.43
C GLY A 327 19.03 -14.38 -4.47
N THR A 328 18.19 -13.36 -4.64
CA THR A 328 18.22 -12.16 -3.79
C THR A 328 16.89 -12.06 -3.03
N SER A 329 16.98 -11.87 -1.70
CA SER A 329 15.77 -11.77 -0.89
C SER A 329 15.18 -10.36 -0.96
N LEU A 330 13.95 -10.20 -0.45
CA LEU A 330 13.36 -8.87 -0.44
C LEU A 330 14.07 -7.92 0.54
N PRO A 331 14.37 -8.31 1.78
CA PRO A 331 15.18 -7.41 2.63
C PRO A 331 16.50 -6.97 2.00
N ARG A 332 17.15 -7.86 1.25
CA ARG A 332 18.37 -7.47 0.55
C ARG A 332 18.10 -6.45 -0.55
N ALA A 333 17.06 -6.69 -1.36
CA ALA A 333 16.72 -5.77 -2.44
C ALA A 333 16.45 -4.37 -1.90
N LEU A 334 15.73 -4.26 -0.78
CA LEU A 334 15.43 -2.97 -0.18
C LEU A 334 16.71 -2.28 0.33
N HIS A 335 17.63 -3.05 0.91
CA HIS A 335 18.93 -2.49 1.31
C HIS A 335 19.73 -1.97 0.10
N CYS A 336 19.71 -2.73 -1.00
CA CYS A 336 20.39 -2.29 -2.22
C CYS A 336 19.77 -1.00 -2.77
N TRP A 337 18.44 -0.89 -2.70
CA TRP A 337 17.74 0.34 -3.01
C TRP A 337 18.26 1.51 -2.16
N ASP A 338 18.37 1.32 -0.84
CA ASP A 338 18.93 2.39 0.00
C ASP A 338 20.31 2.81 -0.49
N ARG A 339 21.15 1.84 -0.87
CA ARG A 339 22.50 2.16 -1.34
C ARG A 339 22.45 2.95 -2.65
N SER A 340 21.55 2.57 -3.56
CA SER A 340 21.41 3.27 -4.84
C SER A 340 20.96 4.72 -4.66
N LEU A 341 20.30 5.06 -3.56
CA LEU A 341 19.83 6.43 -3.34
C LEU A 341 20.81 7.27 -2.52
N HIS A 342 21.98 6.73 -2.19
CA HIS A 342 23.09 7.61 -1.79
C HIS A 342 23.40 8.58 -2.92
N PRO A 351 24.80 1.02 -11.45
CA PRO A 351 24.39 -0.20 -10.75
C PRO A 351 25.44 -0.66 -9.76
N LEU A 352 25.02 -1.44 -8.78
CA LEU A 352 25.89 -1.92 -7.72
C LEU A 352 26.26 -3.38 -7.94
N LYS A 353 27.54 -3.70 -7.74
CA LYS A 353 28.04 -5.05 -7.95
C LYS A 353 27.39 -6.00 -6.95
N GLY A 354 26.66 -6.98 -7.47
CA GLY A 354 26.06 -7.99 -6.63
C GLY A 354 24.97 -7.51 -5.69
N CYS A 355 24.38 -6.34 -5.92
CA CYS A 355 23.37 -5.86 -4.99
C CYS A 355 22.26 -5.22 -5.86
N PRO A 356 21.40 -6.06 -6.43
CA PRO A 356 20.41 -5.59 -7.41
C PRO A 356 19.17 -4.97 -6.78
N VAL A 357 18.52 -4.13 -7.59
CA VAL A 357 17.31 -3.42 -7.17
C VAL A 357 16.11 -3.73 -8.06
N HIS A 358 16.31 -4.22 -9.28
CA HIS A 358 15.22 -4.64 -10.19
C HIS A 358 15.23 -6.16 -10.29
N LEU A 359 14.18 -6.81 -9.77
CA LEU A 359 14.14 -8.28 -9.66
C LEU A 359 12.75 -8.79 -10.07
N VAL A 360 12.62 -9.30 -11.29
CA VAL A 360 11.32 -9.76 -11.80
C VAL A 360 11.49 -11.17 -12.37
N ASP A 361 10.67 -12.12 -11.88
CA ASP A 361 10.75 -13.49 -12.39
C ASP A 361 10.34 -13.56 -13.86
N SER A 362 11.00 -14.45 -14.61
CA SER A 362 10.64 -14.70 -16.00
C SER A 362 9.86 -15.98 -16.22
N CYS A 363 9.85 -16.91 -15.27
CA CYS A 363 9.15 -18.18 -15.51
C CYS A 363 7.63 -17.95 -15.43
N PRO A 364 6.84 -18.72 -16.19
CA PRO A 364 5.48 -18.26 -16.55
C PRO A 364 4.30 -18.87 -15.78
N TRP A 365 4.51 -19.61 -14.69
CA TRP A 365 3.41 -20.29 -13.96
C TRP A 365 3.58 -20.17 -12.45
N PRO A 366 2.50 -20.00 -11.68
CA PRO A 366 2.67 -19.89 -10.22
C PRO A 366 3.43 -21.05 -9.60
N HIS A 367 4.51 -20.68 -8.90
CA HIS A 367 5.29 -21.43 -7.94
C HIS A 367 6.37 -22.10 -8.79
N CYS A 368 6.59 -21.56 -10.01
CA CYS A 368 7.79 -21.94 -10.78
C CYS A 368 9.06 -21.45 -10.10
N ASN A 369 8.93 -20.49 -9.17
CA ASN A 369 9.97 -20.09 -8.25
C ASN A 369 9.89 -20.97 -7.01
N PRO A 370 10.94 -21.73 -6.67
CA PRO A 370 10.84 -22.66 -5.54
C PRO A 370 10.71 -22.00 -4.18
N SER A 371 11.07 -20.72 -4.05
CA SER A 371 11.02 -20.02 -2.77
C SER A 371 9.64 -19.44 -2.47
N CYS A 372 8.63 -19.71 -3.30
CA CYS A 372 7.30 -19.16 -3.08
C CYS A 372 6.73 -19.64 -1.74
N PRO A 373 5.88 -18.84 -1.09
CA PRO A 373 5.26 -19.29 0.16
C PRO A 373 4.41 -20.54 -0.07
N THR A 374 4.43 -21.43 0.90
CA THR A 374 3.71 -22.69 0.76
C THR A 374 2.22 -22.46 0.92
S SO4 B . -14.96 -6.62 13.83
O1 SO4 B . -13.86 -5.92 13.16
O2 SO4 B . -15.16 -5.91 15.09
O3 SO4 B . -16.20 -6.58 13.05
O4 SO4 B . -14.59 -8.01 14.09
C1 NAG C . -8.12 19.46 11.77
C2 NAG C . -7.44 20.80 11.53
C3 NAG C . -8.22 21.61 10.49
C4 NAG C . -8.45 20.80 9.22
C5 NAG C . -9.07 19.45 9.56
C6 NAG C . -9.19 18.53 8.37
C7 NAG C . -6.13 21.97 13.24
C8 NAG C . -6.17 22.73 14.53
N2 NAG C . -7.31 21.56 12.76
O3 NAG C . -7.46 22.77 10.17
O4 NAG C . -9.31 21.50 8.34
O5 NAG C . -8.26 18.76 10.53
O6 NAG C . -7.94 18.34 7.73
O7 NAG C . -5.08 21.72 12.66
C1 GOL D . 10.37 5.73 -8.66
O1 GOL D . 11.62 5.36 -9.09
C2 GOL D . 9.88 6.81 -9.58
O2 GOL D . 8.55 7.05 -9.37
C3 GOL D . 10.72 8.06 -9.19
O3 GOL D . 10.36 9.11 -10.01
S SO4 E . 14.23 -10.36 -16.41
O1 SO4 E . 14.94 -11.60 -16.15
O2 SO4 E . 14.82 -9.27 -15.63
O3 SO4 E . 14.30 -10.03 -17.83
O4 SO4 E . 12.84 -10.52 -16.02
S SO4 F . -25.39 7.73 2.17
O1 SO4 F . -24.32 6.92 2.75
O2 SO4 F . -25.21 9.12 2.58
O3 SO4 F . -25.37 7.62 0.72
O4 SO4 F . -26.69 7.23 2.67
S SO4 G . 19.06 -0.91 10.21
O1 SO4 G . 20.20 -0.74 11.12
O2 SO4 G . 19.41 -0.28 8.94
O3 SO4 G . 18.85 -2.33 9.98
O4 SO4 G . 17.90 -0.26 10.78
S SO4 H . 4.29 19.55 -14.87
O1 SO4 H . 5.36 20.12 -15.69
O2 SO4 H . 4.75 19.42 -13.49
O3 SO4 H . 3.93 18.24 -15.39
O4 SO4 H . 3.14 20.44 -14.90
S SO4 I . 2.73 9.79 25.19
O1 SO4 I . 3.49 8.70 24.59
O2 SO4 I . 3.47 11.03 25.02
O3 SO4 I . 1.43 9.91 24.55
O4 SO4 I . 2.55 9.52 26.62
C1 EDO J . -11.94 -23.04 -15.62
O1 EDO J . -12.86 -22.88 -16.70
C2 EDO J . -12.69 -23.06 -14.31
O2 EDO J . -13.73 -24.03 -14.42
C1 EDO K . 6.39 6.83 22.72
O1 EDO K . 7.14 7.41 23.80
C2 EDO K . 7.33 6.26 21.66
O2 EDO K . 7.69 4.91 21.98
C1 EDO L . 19.82 4.88 12.16
O1 EDO L . 20.44 3.59 12.17
C2 EDO L . 20.40 5.75 11.05
O2 EDO L . 19.84 7.06 11.18
C1 EDO M . -11.04 -4.77 -14.81
O1 EDO M . -11.52 -3.71 -13.98
C2 EDO M . -10.72 -5.98 -13.95
O2 EDO M . -9.88 -5.54 -12.85
C10 T2E N . -8.56 -5.78 -3.91
C13 T2E N . -8.61 -7.27 -1.59
C15 T2E N . -7.21 -5.67 -0.27
C01 T2E N . -8.23 -2.46 -7.11
C02 T2E N . -8.45 -2.95 -5.83
C03 T2E N . -7.79 -2.35 -4.76
C04 T2E N . -6.93 -1.30 -5.02
C06 T2E N . -7.35 -1.41 -7.30
C07 T2E N . -8.03 -2.85 -3.32
C09 T2E N . -7.90 -5.30 -2.79
C11 T2E N . -9.22 -6.99 -3.89
C12 T2E N . -9.28 -7.72 -2.72
C14 T2E N . -7.92 -6.06 -1.59
N05 T2E N . -6.73 -0.87 -6.27
N08 T2E N . -7.23 -4.02 -2.95
N18 T2E N . -10.00 -8.99 -2.70
O16 T2E N . -6.75 -6.59 0.49
O17 T2E N . -7.02 -4.49 0.11
#